data_3OMY
#
_entry.id   3OMY
#
_cell.length_a   54.069
_cell.length_b   54.069
_cell.length_c   67.268
_cell.angle_alpha   90.00
_cell.angle_beta   90.00
_cell.angle_gamma   90.00
#
_symmetry.space_group_name_H-M   'P 41 21 2'
#
loop_
_entity.id
_entity.type
_entity.pdbx_description
1 polymer 'Protein traM'
2 non-polymer GLYCEROL
3 non-polymer 'MAGNESIUM ION'
4 water water
#
_entity_poly.entity_id   1
_entity_poly.type   'polypeptide(L)'
_entity_poly.pdbx_seq_one_letter_code
;MPKIQTYVNNNVYEQITDLVTIRKQEGIEEASLSNVSSMLLELGLRVYMIQQ
;
_entity_poly.pdbx_strand_id   A,B
#
# COMPACT_ATOMS: atom_id res chain seq x y z
N PRO A 2 -3.30 -21.07 -10.90
CA PRO A 2 -2.26 -22.09 -10.89
C PRO A 2 -1.27 -21.91 -9.77
N LYS A 3 -0.43 -22.91 -9.58
CA LYS A 3 0.65 -22.88 -8.60
CA LYS A 3 0.64 -22.87 -8.60
C LYS A 3 1.81 -22.03 -9.09
N ILE A 4 2.42 -21.29 -8.16
CA ILE A 4 3.71 -20.65 -8.41
C ILE A 4 4.66 -21.16 -7.35
N GLN A 5 5.83 -21.62 -7.79
N GLN A 5 5.81 -21.65 -7.80
CA GLN A 5 6.90 -22.02 -6.89
CA GLN A 5 6.92 -21.98 -6.93
C GLN A 5 8.10 -21.10 -7.10
C GLN A 5 7.99 -20.93 -7.14
N THR A 6 8.51 -20.43 -6.03
CA THR A 6 9.61 -19.47 -6.12
C THR A 6 10.52 -19.64 -4.89
N TYR A 7 11.58 -18.86 -4.82
CA TYR A 7 12.61 -19.00 -3.78
CA TYR A 7 12.59 -19.01 -3.76
C TYR A 7 13.00 -17.63 -3.32
N VAL A 8 13.11 -17.45 -2.01
CA VAL A 8 13.54 -16.19 -1.40
C VAL A 8 14.64 -16.42 -0.37
N ASN A 9 15.41 -15.36 -0.02
CA ASN A 9 16.38 -15.50 1.04
C ASN A 9 15.72 -15.72 2.40
N ASN A 10 16.51 -16.12 3.38
CA ASN A 10 16.00 -16.49 4.70
C ASN A 10 15.36 -15.35 5.45
N ASN A 11 15.87 -14.14 5.23
CA ASN A 11 15.39 -12.96 5.90
C ASN A 11 14.00 -12.58 5.34
N VAL A 12 13.86 -12.54 4.02
CA VAL A 12 12.57 -12.32 3.39
C VAL A 12 11.52 -13.37 3.82
N TYR A 13 11.93 -14.64 3.83
CA TYR A 13 11.06 -15.72 4.26
C TYR A 13 10.53 -15.45 5.67
N GLU A 14 11.44 -15.08 6.56
CA GLU A 14 11.07 -14.78 7.93
C GLU A 14 10.12 -13.61 8.01
N GLN A 15 10.34 -12.58 7.21
CA GLN A 15 9.47 -11.41 7.24
C GLN A 15 8.06 -11.78 6.79
N ILE A 16 7.95 -12.69 5.83
CA ILE A 16 6.65 -13.16 5.43
C ILE A 16 5.97 -13.98 6.54
N THR A 17 6.72 -14.87 7.17
CA THR A 17 6.14 -15.61 8.28
CA THR A 17 6.24 -15.63 8.30
C THR A 17 5.77 -14.69 9.43
N ASP A 18 6.52 -13.61 9.66
CA ASP A 18 6.16 -12.61 10.67
C ASP A 18 4.81 -11.98 10.30
N LEU A 19 4.58 -11.75 9.02
CA LEU A 19 3.33 -11.16 8.60
CA LEU A 19 3.30 -11.17 8.59
C LEU A 19 2.15 -12.13 8.79
N VAL A 20 2.40 -13.44 8.65
CA VAL A 20 1.34 -14.41 8.99
C VAL A 20 0.90 -14.21 10.45
N THR A 21 1.86 -14.13 11.36
CA THR A 21 1.53 -13.90 12.76
C THR A 21 0.75 -12.60 12.97
N ILE A 22 1.20 -11.54 12.33
CA ILE A 22 0.52 -10.24 12.42
C ILE A 22 -0.90 -10.32 11.89
N ARG A 23 -1.06 -10.96 10.73
N ARG A 23 -1.10 -10.94 10.72
CA ARG A 23 -2.38 -11.08 10.09
CA ARG A 23 -2.45 -11.00 10.16
C ARG A 23 -3.35 -11.82 10.99
C ARG A 23 -3.39 -11.79 11.07
N LYS A 24 -2.89 -12.90 11.64
CA LYS A 24 -3.71 -13.63 12.62
C LYS A 24 -4.08 -12.72 13.80
N GLN A 25 -3.13 -11.93 14.30
CA GLN A 25 -3.37 -10.98 15.38
CA GLN A 25 -3.38 -10.99 15.38
C GLN A 25 -4.42 -9.94 14.96
N GLU A 26 -4.43 -9.59 13.67
CA GLU A 26 -5.41 -8.67 13.09
C GLU A 26 -6.74 -9.33 12.68
N GLY A 27 -6.95 -10.56 13.12
CA GLY A 27 -8.24 -11.24 12.96
C GLY A 27 -8.32 -12.16 11.75
N ILE A 28 -7.25 -12.30 10.98
CA ILE A 28 -7.27 -13.16 9.80
CA ILE A 28 -7.27 -13.17 9.80
C ILE A 28 -6.84 -14.55 10.25
N GLU A 29 -7.79 -15.30 10.80
CA GLU A 29 -7.49 -16.54 11.49
C GLU A 29 -6.89 -17.58 10.56
N GLU A 30 -7.33 -17.53 9.30
CA GLU A 30 -6.92 -18.45 8.25
C GLU A 30 -5.62 -18.06 7.55
N ALA A 31 -4.95 -16.99 8.00
CA ALA A 31 -3.70 -16.58 7.33
C ALA A 31 -2.70 -17.72 7.34
N SER A 32 -1.98 -17.85 6.23
CA SER A 32 -0.96 -18.88 6.05
C SER A 32 0.18 -18.30 5.22
N LEU A 33 1.33 -18.97 5.25
CA LEU A 33 2.44 -18.54 4.39
C LEU A 33 1.96 -18.48 2.94
N SER A 34 1.22 -19.50 2.50
CA SER A 34 0.76 -19.53 1.13
C SER A 34 -0.17 -18.36 0.79
N ASN A 35 -1.19 -18.09 1.61
CA ASN A 35 -2.14 -17.06 1.24
C ASN A 35 -1.67 -15.65 1.51
N VAL A 36 -0.73 -15.48 2.44
CA VAL A 36 -0.07 -14.19 2.58
C VAL A 36 0.84 -13.96 1.38
N SER A 37 1.58 -14.98 0.98
N SER A 37 1.50 -15.01 0.89
CA SER A 37 2.47 -14.87 -0.18
CA SER A 37 2.33 -14.83 -0.31
C SER A 37 1.71 -14.51 -1.43
C SER A 37 1.54 -14.55 -1.60
N SER A 38 0.57 -15.15 -1.64
N SER A 38 0.33 -15.08 -1.76
CA SER A 38 -0.26 -14.88 -2.81
CA SER A 38 -0.39 -14.71 -2.95
C SER A 38 -0.77 -13.44 -2.83
C SER A 38 -0.85 -13.26 -2.83
N MET A 39 -1.14 -12.91 -1.67
N MET A 39 -1.29 -12.86 -1.64
CA MET A 39 -1.59 -11.54 -1.56
CA MET A 39 -1.61 -11.48 -1.38
C MET A 39 -0.43 -10.56 -1.80
C MET A 39 -0.45 -10.55 -1.76
N LEU A 40 0.75 -10.85 -1.25
CA LEU A 40 1.91 -10.00 -1.50
C LEU A 40 2.35 -10.04 -2.94
N LEU A 41 2.30 -11.19 -3.57
CA LEU A 41 2.68 -11.32 -4.97
C LEU A 41 1.77 -10.45 -5.84
N GLU A 42 0.46 -10.47 -5.59
CA GLU A 42 -0.45 -9.65 -6.36
C GLU A 42 -0.22 -8.16 -6.09
N LEU A 43 0.03 -7.78 -4.84
CA LEU A 43 0.34 -6.38 -4.52
C LEU A 43 1.62 -5.94 -5.25
N GLY A 44 2.66 -6.75 -5.20
CA GLY A 44 3.89 -6.43 -5.89
C GLY A 44 3.68 -6.29 -7.38
N LEU A 45 2.93 -7.20 -8.00
CA LEU A 45 2.56 -7.08 -9.40
C LEU A 45 1.92 -5.72 -9.68
N ARG A 46 0.96 -5.30 -8.86
CA ARG A 46 0.26 -4.05 -9.10
C ARG A 46 1.21 -2.87 -9.01
N VAL A 47 2.06 -2.85 -8.00
CA VAL A 47 2.99 -1.73 -7.84
C VAL A 47 4.03 -1.72 -8.97
N TYR A 48 4.54 -2.88 -9.35
CA TYR A 48 5.55 -2.93 -10.40
CA TYR A 48 5.50 -2.98 -10.44
C TYR A 48 4.94 -2.40 -11.72
N MET A 49 3.69 -2.76 -12.01
CA MET A 49 3.09 -2.31 -13.26
CA MET A 49 3.07 -2.30 -13.24
CA MET A 49 3.03 -2.31 -13.24
C MET A 49 2.81 -0.79 -13.20
N ILE A 50 2.50 -0.24 -12.03
CA ILE A 50 2.38 1.23 -11.87
C ILE A 50 3.73 1.90 -12.18
N GLN A 51 4.83 1.29 -11.78
CA GLN A 51 6.17 1.88 -11.90
C GLN A 51 6.80 1.67 -13.27
N GLN A 52 6.20 0.85 -14.13
CA GLN A 52 6.71 0.65 -15.48
C GLN A 52 6.67 1.93 -16.34
N PRO B 2 7.32 21.80 6.80
CA PRO B 2 7.37 22.84 5.79
C PRO B 2 6.30 22.62 4.72
N LYS B 3 6.10 23.65 3.91
CA LYS B 3 5.15 23.65 2.80
CA LYS B 3 5.13 23.62 2.82
C LYS B 3 5.73 22.95 1.60
N ILE B 4 4.90 22.18 0.92
CA ILE B 4 5.19 21.67 -0.43
C ILE B 4 4.10 22.16 -1.37
N GLN B 5 4.52 22.84 -2.42
CA GLN B 5 3.60 23.30 -3.45
CA GLN B 5 3.60 23.32 -3.44
C GLN B 5 3.97 22.60 -4.72
N THR B 6 2.99 21.97 -5.35
CA THR B 6 3.24 21.36 -6.63
C THR B 6 2.03 21.56 -7.54
N TYR B 7 2.14 21.07 -8.77
CA TYR B 7 1.09 21.20 -9.77
CA TYR B 7 1.09 21.21 -9.78
C TYR B 7 0.92 19.88 -10.47
N VAL B 8 -0.34 19.50 -10.65
CA VAL B 8 -0.70 18.25 -11.30
C VAL B 8 -1.76 18.52 -12.37
N ASN B 9 -1.97 17.56 -13.24
CA ASN B 9 -3.01 17.73 -14.25
C ASN B 9 -4.40 17.53 -13.61
N ASN B 10 -5.45 17.77 -14.41
CA ASN B 10 -6.81 17.72 -13.89
C ASN B 10 -7.24 16.32 -13.58
N ASN B 11 -6.69 15.32 -14.28
CA ASN B 11 -7.02 13.93 -14.01
C ASN B 11 -6.56 13.54 -12.60
N VAL B 12 -5.29 13.78 -12.29
CA VAL B 12 -4.76 13.52 -10.96
C VAL B 12 -5.51 14.33 -9.91
N TYR B 13 -5.73 15.62 -10.19
CA TYR B 13 -6.40 16.49 -9.23
C TYR B 13 -7.80 15.96 -8.87
N GLU B 14 -8.58 15.58 -9.90
CA GLU B 14 -9.92 15.06 -9.68
C GLU B 14 -9.88 13.74 -8.90
N GLN B 15 -8.88 12.91 -9.15
CA GLN B 15 -8.78 11.67 -8.38
C GLN B 15 -8.49 11.95 -6.90
N ILE B 16 -7.70 13.00 -6.62
CA ILE B 16 -7.41 13.32 -5.23
C ILE B 16 -8.64 13.92 -4.55
N THR B 17 -9.33 14.84 -5.22
CA THR B 17 -10.54 15.40 -4.62
C THR B 17 -11.62 14.32 -4.48
N ASP B 18 -11.68 13.37 -5.41
CA ASP B 18 -12.59 12.23 -5.25
C ASP B 18 -12.22 11.43 -4.00
N LEU B 19 -10.93 11.27 -3.74
CA LEU B 19 -10.47 10.55 -2.57
C LEU B 19 -10.81 11.28 -1.28
N VAL B 20 -10.73 12.62 -1.27
CA VAL B 20 -11.18 13.37 -0.10
C VAL B 20 -12.63 13.02 0.23
N THR B 21 -13.47 13.04 -0.80
CA THR B 21 -14.88 12.69 -0.64
C THR B 21 -15.06 11.27 -0.12
N ILE B 22 -14.31 10.32 -0.69
CA ILE B 22 -14.35 8.92 -0.24
C ILE B 22 -13.94 8.80 1.21
N ARG B 23 -12.87 9.46 1.62
CA ARG B 23 -12.42 9.36 3.02
C ARG B 23 -13.47 9.92 3.97
N LYS B 24 -14.14 11.01 3.59
CA LYS B 24 -15.25 11.52 4.40
C LYS B 24 -16.38 10.51 4.49
N GLN B 25 -16.71 9.85 3.37
CA GLN B 25 -17.73 8.79 3.37
CA GLN B 25 -17.74 8.81 3.39
C GLN B 25 -17.34 7.62 4.26
N GLU B 26 -16.04 7.37 4.38
CA GLU B 26 -15.50 6.33 5.22
C GLU B 26 -15.37 6.78 6.69
N GLY B 27 -15.85 7.99 7.00
CA GLY B 27 -15.93 8.48 8.38
C GLY B 27 -14.77 9.36 8.82
N ILE B 28 -13.91 9.76 7.89
CA ILE B 28 -12.76 10.63 8.22
C ILE B 28 -13.20 12.09 8.06
N GLU B 29 -13.85 12.64 9.09
CA GLU B 29 -14.44 13.96 9.02
CA GLU B 29 -14.45 13.96 8.96
C GLU B 29 -13.40 15.06 8.76
N GLU B 30 -12.18 14.82 9.24
CA GLU B 30 -11.12 15.79 9.13
CA GLU B 30 -11.07 15.75 9.15
C GLU B 30 -10.37 15.75 7.78
N ALA B 31 -10.78 14.86 6.86
CA ALA B 31 -10.09 14.76 5.58
C ALA B 31 -10.16 16.08 4.82
N SER B 32 -9.04 16.48 4.21
CA SER B 32 -9.00 17.70 3.41
C SER B 32 -8.09 17.44 2.23
N LEU B 33 -8.16 18.29 1.21
CA LEU B 33 -7.20 18.19 0.11
C LEU B 33 -5.77 18.20 0.63
N SER B 34 -5.46 19.09 1.58
CA SER B 34 -4.11 19.18 2.07
C SER B 34 -3.66 17.92 2.81
N ASN B 35 -4.48 17.39 3.72
CA ASN B 35 -4.00 16.25 4.49
C ASN B 35 -4.08 14.94 3.73
N VAL B 36 -4.98 14.81 2.76
CA VAL B 36 -4.97 13.62 1.88
C VAL B 36 -3.74 13.67 0.98
N SER B 37 -3.42 14.86 0.46
CA SER B 37 -2.24 15.00 -0.39
CA SER B 37 -2.25 14.93 -0.41
C SER B 37 -0.97 14.70 0.37
N SER B 38 -0.88 15.12 1.64
CA SER B 38 0.33 14.84 2.39
CA SER B 38 0.30 14.82 2.47
C SER B 38 0.46 13.32 2.65
N MET B 39 -0.66 12.64 2.95
CA MET B 39 -0.64 11.20 3.11
CA MET B 39 -0.71 11.19 3.08
C MET B 39 -0.15 10.52 1.82
N LEU B 40 -0.65 10.95 0.66
CA LEU B 40 -0.29 10.34 -0.60
C LEU B 40 1.17 10.62 -0.96
N LEU B 41 1.62 11.85 -0.70
CA LEU B 41 2.99 12.24 -0.97
C LEU B 41 3.96 11.39 -0.16
N GLU B 42 3.67 11.20 1.11
CA GLU B 42 4.53 10.40 1.97
CA GLU B 42 4.55 10.41 1.96
C GLU B 42 4.54 8.93 1.56
N LEU B 43 3.37 8.41 1.21
CA LEU B 43 3.28 7.05 0.70
C LEU B 43 4.14 6.89 -0.57
N GLY B 44 4.00 7.83 -1.49
CA GLY B 44 4.79 7.77 -2.72
C GLY B 44 6.29 7.85 -2.44
N LEU B 45 6.69 8.74 -1.52
CA LEU B 45 8.09 8.81 -1.10
C LEU B 45 8.59 7.46 -0.61
N ARG B 46 7.83 6.83 0.28
CA ARG B 46 8.23 5.54 0.85
CA ARG B 46 8.32 5.58 0.83
C ARG B 46 8.38 4.47 -0.22
N VAL B 47 7.40 4.41 -1.13
CA VAL B 47 7.43 3.41 -2.19
C VAL B 47 8.60 3.67 -3.14
N TYR B 48 8.83 4.93 -3.51
CA TYR B 48 9.90 5.28 -4.43
C TYR B 48 11.24 4.91 -3.87
N MET B 49 11.40 5.07 -2.57
CA MET B 49 12.70 4.84 -1.94
CA MET B 49 12.68 4.83 -1.90
C MET B 49 12.98 3.35 -1.65
N ILE B 50 12.05 2.45 -2.02
CA ILE B 50 12.32 1.01 -1.83
C ILE B 50 13.53 0.58 -2.62
N GLN B 51 14.44 -0.13 -1.92
CA GLN B 51 15.70 -0.65 -2.49
#